data_5KTB
#
_entry.id   5KTB
#
_cell.length_a   101.851
_cell.length_b   101.851
_cell.length_c   225.077
_cell.angle_alpha   90.00
_cell.angle_beta   90.00
_cell.angle_gamma   120.00
#
_symmetry.space_group_name_H-M   'P 31 2 1'
#
loop_
_entity.id
_entity.type
_entity.pdbx_description
1 polymer 'Monopolin complex subunit CSM1'
2 polymer 'Monopolin complex subunit MAM1'
#
loop_
_entity_poly.entity_id
_entity_poly.type
_entity_poly.pdbx_seq_one_letter_code
_entity_poly.pdbx_strand_id
1 'polypeptide(L)'
;MDPLTVYKNSVKQQIDSADLLVANLVNENFVLSEKLDTKATEIKQLQKQIDSLNAQVKELKTQTSQQAENSEVIKDLYEY
LCNVRVHKSYEDDSGLWFDISQGTHSGGSSDDYSIMDYKLGFVKGQAQVTEVIYAPVLKQRSTEELYSLQSKLPEYLFET
LSFPLSSLNQFYNKIAKSLNKKREKKDETE
;
A,B
2 'polypeptide(L)' QKKRFLPQSVLIKREDEIAFDDFHLDARKVLNDLSATSENPFSSSPNTKKIKSKGKTLEVVPKKKNKKII C
#
# COMPACT_ATOMS: atom_id res chain seq x y z
N LEU A 20 58.57 -38.41 -28.35
CA LEU A 20 57.21 -38.23 -28.87
C LEU A 20 56.48 -36.98 -28.37
N LEU A 21 56.94 -36.40 -27.26
CA LEU A 21 56.06 -35.64 -26.39
C LEU A 21 55.90 -34.14 -26.75
N VAL A 22 56.48 -33.66 -27.86
CA VAL A 22 56.02 -32.37 -28.41
C VAL A 22 54.60 -32.51 -28.97
N ALA A 23 54.32 -33.63 -29.61
CA ALA A 23 52.94 -33.92 -30.01
C ALA A 23 52.03 -33.96 -28.79
N ASN A 24 52.39 -34.77 -27.80
CA ASN A 24 51.57 -34.92 -26.62
C ASN A 24 51.30 -33.54 -25.99
N LEU A 25 52.26 -32.63 -26.17
CA LEU A 25 52.10 -31.31 -25.58
C LEU A 25 51.08 -30.48 -26.33
N VAL A 26 51.20 -30.40 -27.66
CA VAL A 26 50.20 -29.68 -28.46
C VAL A 26 48.80 -30.19 -28.19
N ASN A 27 48.67 -31.52 -28.08
CA ASN A 27 47.37 -32.09 -27.73
C ASN A 27 46.87 -31.56 -26.41
N GLU A 28 47.71 -31.58 -25.38
CA GLU A 28 47.27 -31.06 -24.10
C GLU A 28 46.82 -29.61 -24.20
N ASN A 29 47.47 -28.81 -25.03
CA ASN A 29 46.95 -27.47 -25.24
C ASN A 29 45.55 -27.50 -25.83
N PHE A 30 45.29 -28.41 -26.77
CA PHE A 30 43.93 -28.52 -27.29
C PHE A 30 42.94 -28.73 -26.16
N VAL A 31 43.16 -29.80 -25.39
CA VAL A 31 42.27 -30.15 -24.29
C VAL A 31 42.01 -28.95 -23.38
N LEU A 32 43.07 -28.24 -23.01
CA LEU A 32 42.92 -27.09 -22.12
C LEU A 32 42.05 -26.03 -22.79
N SER A 33 42.40 -25.60 -24.01
CA SER A 33 41.64 -24.55 -24.69
C SER A 33 40.17 -24.85 -24.65
N GLU A 34 39.82 -26.13 -24.78
CA GLU A 34 38.42 -26.54 -24.78
C GLU A 34 37.81 -26.44 -23.38
N LYS A 35 38.55 -26.91 -22.38
CA LYS A 35 38.10 -26.76 -21.00
C LYS A 35 37.78 -25.31 -20.68
N LEU A 36 38.67 -24.40 -21.07
CA LEU A 36 38.45 -22.99 -20.80
C LEU A 36 37.26 -22.47 -21.59
N ASP A 37 37.02 -23.02 -22.77
CA ASP A 37 35.85 -22.54 -23.51
C ASP A 37 34.56 -22.90 -22.80
N THR A 38 34.42 -24.16 -22.34
CA THR A 38 33.23 -24.45 -21.54
C THR A 38 33.11 -23.51 -20.35
N LYS A 39 34.20 -23.32 -19.60
CA LYS A 39 34.15 -22.38 -18.49
C LYS A 39 33.63 -21.02 -18.94
N ALA A 40 34.13 -20.50 -20.06
CA ALA A 40 33.75 -19.14 -20.44
C ALA A 40 32.29 -19.05 -20.84
N THR A 41 31.73 -20.13 -21.40
CA THR A 41 30.29 -20.08 -21.68
C THR A 41 29.48 -20.18 -20.38
N GLU A 42 29.86 -21.07 -19.47
CA GLU A 42 29.17 -21.16 -18.17
C GLU A 42 29.15 -19.79 -17.49
N ILE A 43 30.30 -19.10 -17.46
CA ILE A 43 30.36 -17.74 -16.94
C ILE A 43 29.38 -16.81 -17.66
N LYS A 44 29.36 -16.85 -18.99
CA LYS A 44 28.40 -15.98 -19.67
C LYS A 44 26.99 -16.26 -19.18
N GLN A 45 26.64 -17.54 -19.04
CA GLN A 45 25.32 -17.94 -18.55
C GLN A 45 25.02 -17.37 -17.17
N LEU A 46 25.89 -17.64 -16.21
CA LEU A 46 25.67 -17.17 -14.85
C LEU A 46 25.55 -15.66 -14.81
N GLN A 47 26.43 -14.95 -15.51
CA GLN A 47 26.30 -13.50 -15.54
C GLN A 47 24.94 -13.09 -16.08
N LYS A 48 24.38 -13.86 -17.03
CA LYS A 48 23.04 -13.54 -17.53
C LYS A 48 22.00 -13.67 -16.43
N GLN A 49 22.03 -14.79 -15.69
CA GLN A 49 21.12 -14.94 -14.56
C GLN A 49 21.28 -13.80 -13.58
N ILE A 50 22.53 -13.51 -13.20
CA ILE A 50 22.82 -12.41 -12.29
C ILE A 50 22.23 -11.10 -12.81
N ASP A 51 22.16 -10.93 -14.13
CA ASP A 51 21.58 -9.71 -14.65
C ASP A 51 20.06 -9.73 -14.52
N SER A 52 19.44 -10.87 -14.80
CA SER A 52 18.00 -10.99 -14.64
C SER A 52 17.57 -10.76 -13.18
N LEU A 53 18.23 -11.43 -12.24
CA LEU A 53 17.90 -11.23 -10.83
C LEU A 53 18.21 -9.81 -10.39
N ASN A 54 19.38 -9.29 -10.77
CA ASN A 54 19.69 -7.89 -10.51
C ASN A 54 18.57 -6.97 -10.95
N ALA A 55 17.86 -7.34 -12.02
CA ALA A 55 16.70 -6.57 -12.47
C ALA A 55 15.52 -6.77 -11.54
N GLN A 56 15.13 -8.02 -11.31
CA GLN A 56 13.99 -8.33 -10.44
C GLN A 56 14.08 -7.61 -9.12
N VAL A 57 15.28 -7.61 -8.52
CA VAL A 57 15.48 -6.96 -7.23
C VAL A 57 15.13 -5.47 -7.32
N LYS A 58 15.70 -4.76 -8.29
CA LYS A 58 15.49 -3.32 -8.35
C LYS A 58 14.02 -2.99 -8.59
N GLU A 59 13.39 -3.73 -9.51
CA GLU A 59 11.97 -3.51 -9.76
C GLU A 59 11.15 -3.74 -8.50
N LEU A 60 11.32 -4.92 -7.88
CA LEU A 60 10.59 -5.23 -6.66
C LEU A 60 10.80 -4.15 -5.61
N LYS A 61 12.03 -3.66 -5.48
CA LYS A 61 12.31 -2.66 -4.46
C LYS A 61 11.47 -1.42 -4.67
N THR A 62 11.37 -0.95 -5.93
CA THR A 62 10.50 0.18 -6.19
C THR A 62 9.03 -0.20 -5.97
N GLN A 63 8.56 -1.29 -6.58
CA GLN A 63 7.13 -1.63 -6.48
C GLN A 63 6.64 -1.66 -5.04
N THR A 64 7.47 -2.11 -4.10
CA THR A 64 7.02 -2.05 -2.71
C THR A 64 7.12 -0.65 -2.14
N SER A 65 8.16 0.11 -2.48
CA SER A 65 8.18 1.47 -1.93
C SER A 65 7.02 2.30 -2.47
N GLN A 66 6.64 2.07 -3.72
CA GLN A 66 5.51 2.78 -4.28
C GLN A 66 4.20 2.28 -3.69
N GLN A 67 4.07 0.96 -3.52
CA GLN A 67 2.87 0.41 -2.90
C GLN A 67 2.71 0.92 -1.49
N ALA A 68 3.83 1.15 -0.81
CA ALA A 68 3.81 1.62 0.57
C ALA A 68 3.47 3.09 0.65
N GLU A 69 3.98 3.90 -0.28
CA GLU A 69 3.60 5.31 -0.29
C GLU A 69 2.12 5.47 -0.62
N ASN A 70 1.64 4.75 -1.65
CA ASN A 70 0.20 4.77 -1.97
C ASN A 70 -0.62 4.39 -0.75
N SER A 71 -0.37 3.21 -0.19
CA SER A 71 -1.15 2.78 0.97
C SER A 71 -1.08 3.79 2.12
N GLU A 72 0.04 4.52 2.23
CA GLU A 72 0.16 5.47 3.33
C GLU A 72 -0.70 6.71 3.11
N VAL A 73 -0.83 7.18 1.86
CA VAL A 73 -1.71 8.34 1.67
C VAL A 73 -3.16 7.93 1.85
N ILE A 74 -3.56 6.78 1.29
CA ILE A 74 -4.91 6.30 1.53
C ILE A 74 -5.19 6.17 3.03
N LYS A 75 -4.23 5.68 3.80
CA LYS A 75 -4.38 5.67 5.25
C LYS A 75 -4.67 7.06 5.78
N ASP A 76 -3.94 8.07 5.29
CA ASP A 76 -4.14 9.42 5.82
C ASP A 76 -5.49 10.00 5.40
N LEU A 77 -5.97 9.60 4.23
CA LEU A 77 -7.33 9.95 3.84
C LEU A 77 -8.31 9.43 4.87
N TYR A 78 -8.26 8.13 5.16
CA TYR A 78 -9.10 7.52 6.18
C TYR A 78 -9.01 8.27 7.50
N GLU A 79 -7.79 8.59 7.94
CA GLU A 79 -7.66 9.26 9.23
C GLU A 79 -8.35 10.62 9.22
N TYR A 80 -8.48 11.27 8.06
CA TYR A 80 -9.15 12.57 8.05
C TYR A 80 -10.66 12.47 7.82
N LEU A 81 -11.06 11.68 6.83
CA LEU A 81 -12.44 11.25 6.68
C LEU A 81 -13.08 10.83 8.01
N CYS A 82 -12.48 9.86 8.72
CA CYS A 82 -13.14 9.24 9.87
C CYS A 82 -12.68 9.71 11.24
N ASN A 83 -11.66 10.56 11.32
CA ASN A 83 -11.15 11.02 12.61
C ASN A 83 -10.76 9.88 13.53
N VAL A 84 -10.08 8.89 12.97
CA VAL A 84 -9.62 7.74 13.74
C VAL A 84 -8.39 7.15 13.06
N ARG A 85 -7.30 7.03 13.83
CA ARG A 85 -6.02 6.52 13.37
C ARG A 85 -5.88 5.11 13.93
N VAL A 86 -5.30 4.22 13.14
CA VAL A 86 -5.22 2.78 13.44
C VAL A 86 -3.76 2.38 13.30
N HIS A 87 -2.90 2.89 14.18
CA HIS A 87 -1.48 2.87 13.86
C HIS A 87 -0.91 1.47 13.89
N LYS A 88 -1.39 0.62 14.79
CA LYS A 88 -0.83 -0.72 14.94
C LYS A 88 -1.95 -1.74 14.96
N SER A 89 -1.51 -3.00 15.17
CA SER A 89 -2.38 -4.19 15.25
C SER A 89 -1.65 -5.32 15.97
N TYR A 90 -2.31 -5.93 16.97
CA TYR A 90 -1.67 -6.78 18.00
C TYR A 90 -2.32 -8.19 17.99
N GLU A 91 -1.84 -9.07 17.13
CA GLU A 91 -2.55 -10.32 16.89
C GLU A 91 -1.88 -11.46 17.64
N ASP A 92 -2.64 -12.07 18.54
CA ASP A 92 -2.29 -13.34 19.17
C ASP A 92 -3.08 -14.44 18.49
N ASP A 93 -3.03 -15.63 19.05
CA ASP A 93 -3.90 -16.69 18.57
C ASP A 93 -5.29 -16.49 19.13
N SER A 94 -5.36 -15.84 20.28
CA SER A 94 -6.60 -15.54 20.96
C SER A 94 -7.48 -14.63 20.13
N GLY A 95 -7.00 -13.44 19.79
CA GLY A 95 -7.79 -12.57 18.94
C GLY A 95 -7.02 -11.71 17.95
N LEU A 96 -7.62 -10.60 17.55
CA LEU A 96 -7.00 -9.66 16.61
C LEU A 96 -7.14 -8.26 17.18
N TRP A 97 -6.04 -7.64 17.56
CA TRP A 97 -6.14 -6.34 18.20
C TRP A 97 -5.66 -5.24 17.29
N PHE A 98 -6.11 -4.01 17.57
CA PHE A 98 -5.69 -2.80 16.87
C PHE A 98 -5.51 -1.68 17.86
N ASP A 99 -4.47 -0.86 17.64
CA ASP A 99 -4.36 0.32 18.48
C ASP A 99 -5.04 1.49 17.78
N ILE A 100 -5.83 2.24 18.53
CA ILE A 100 -6.77 3.17 17.95
C ILE A 100 -6.74 4.48 18.73
N SER A 101 -6.92 5.58 18.00
CA SER A 101 -7.09 6.91 18.55
C SER A 101 -8.24 7.58 17.81
N GLN A 102 -9.12 8.25 18.55
CA GLN A 102 -10.29 8.86 17.95
C GLN A 102 -10.47 10.27 18.48
N GLY A 103 -10.88 11.21 17.61
CA GLY A 103 -11.10 12.59 18.01
C GLY A 103 -10.10 13.56 17.40
N THR A 104 -10.11 14.80 17.89
CA THR A 104 -9.30 15.87 17.29
C THR A 104 -8.65 16.75 18.37
N HIS A 105 -7.56 17.43 17.97
CA HIS A 105 -6.67 18.23 18.81
C HIS A 105 -7.18 19.66 19.00
N SER A 106 -6.66 20.31 20.05
CA SER A 106 -6.94 21.73 20.32
C SER A 106 -5.64 22.52 20.50
N ASP A 112 -9.60 22.07 27.30
CA ASP A 112 -10.28 20.80 27.09
C ASP A 112 -9.50 19.91 26.13
N TYR A 113 -9.94 18.66 26.05
CA TYR A 113 -9.23 17.61 25.34
C TYR A 113 -10.25 16.69 24.70
N SER A 114 -9.96 16.24 23.48
CA SER A 114 -11.00 15.64 22.66
C SER A 114 -10.60 14.35 21.96
N ILE A 115 -9.51 13.70 22.37
CA ILE A 115 -9.03 12.49 21.71
C ILE A 115 -8.97 11.34 22.71
N MET A 116 -9.32 10.15 22.25
CA MET A 116 -9.53 8.97 23.10
C MET A 116 -8.92 7.76 22.41
N ASP A 117 -7.89 7.20 23.03
CA ASP A 117 -7.28 6.01 22.47
C ASP A 117 -7.70 4.77 23.25
N TYR A 118 -7.71 3.66 22.52
CA TYR A 118 -8.15 2.38 23.06
C TYR A 118 -7.64 1.29 22.14
N LYS A 119 -7.77 0.04 22.59
CA LYS A 119 -7.50 -1.09 21.72
C LYS A 119 -8.82 -1.78 21.40
N LEU A 120 -8.91 -2.33 20.20
CA LEU A 120 -10.06 -3.13 19.82
C LEU A 120 -9.60 -4.54 19.57
N GLY A 121 -10.34 -5.50 20.09
CA GLY A 121 -10.08 -6.90 19.83
C GLY A 121 -11.26 -7.52 19.13
N PHE A 122 -10.97 -8.53 18.32
CA PHE A 122 -12.00 -9.33 17.67
C PHE A 122 -11.74 -10.79 18.03
N VAL A 123 -12.77 -11.46 18.54
CA VAL A 123 -12.64 -12.78 19.13
C VAL A 123 -13.78 -13.70 18.71
N VAL A 129 -18.97 -17.18 16.03
CA VAL A 129 -19.34 -16.45 17.23
C VAL A 129 -18.25 -15.42 17.57
N THR A 130 -18.21 -14.33 16.79
CA THR A 130 -17.18 -13.30 16.91
C THR A 130 -17.70 -12.11 17.72
N GLU A 131 -16.91 -11.69 18.70
CA GLU A 131 -17.26 -10.61 19.60
C GLU A 131 -16.12 -9.59 19.63
N VAL A 132 -16.47 -8.34 19.93
CA VAL A 132 -15.53 -7.23 19.99
C VAL A 132 -15.23 -6.91 21.45
N ILE A 133 -13.95 -6.72 21.76
CA ILE A 133 -13.54 -6.25 23.07
C ILE A 133 -13.02 -4.83 22.92
N TYR A 134 -13.55 -3.93 23.70
CA TYR A 134 -13.06 -2.56 23.70
C TYR A 134 -12.25 -2.40 24.98
N ALA A 135 -11.01 -1.93 24.91
CA ALA A 135 -10.26 -1.71 26.14
C ALA A 135 -9.65 -0.31 26.19
N PRO A 136 -9.95 0.48 27.22
CA PRO A 136 -9.38 1.82 27.31
C PRO A 136 -7.87 1.86 27.56
N VAL A 137 -7.29 2.96 27.09
CA VAL A 137 -5.87 3.31 27.22
C VAL A 137 -5.81 4.71 27.77
N LEU A 138 -5.25 4.86 28.95
CA LEU A 138 -5.29 6.17 29.55
C LEU A 138 -3.92 6.61 30.03
N LYS A 139 -3.04 5.64 30.26
CA LYS A 139 -1.94 5.91 31.17
C LYS A 139 -1.04 7.04 30.67
N GLN A 140 -1.12 7.39 29.40
CA GLN A 140 -0.37 8.55 28.91
C GLN A 140 -1.32 9.72 28.75
N ARG A 141 -1.63 10.40 29.87
CA ARG A 141 -2.55 11.53 29.87
C ARG A 141 -2.18 12.48 31.00
N SER A 142 -2.86 13.63 31.02
CA SER A 142 -2.80 14.55 32.14
C SER A 142 -4.14 14.55 32.86
N THR A 143 -4.08 14.81 34.17
CA THR A 143 -5.29 14.78 35.00
C THR A 143 -6.34 15.74 34.49
N GLU A 144 -5.90 16.82 33.86
CA GLU A 144 -6.82 17.77 33.25
C GLU A 144 -7.44 17.19 31.99
N GLU A 145 -6.59 16.67 31.09
CA GLU A 145 -7.09 15.95 29.93
C GLU A 145 -8.07 14.87 30.35
N LEU A 146 -7.73 14.14 31.42
CA LEU A 146 -8.60 13.09 31.92
C LEU A 146 -9.92 13.66 32.41
N TYR A 147 -9.91 14.81 33.08
CA TYR A 147 -11.17 15.39 33.54
C TYR A 147 -12.08 15.73 32.38
N SER A 148 -11.53 16.41 31.36
CA SER A 148 -12.36 16.79 30.22
C SER A 148 -12.93 15.55 29.53
N LEU A 149 -12.08 14.56 29.28
CA LEU A 149 -12.60 13.32 28.71
C LEU A 149 -13.72 12.76 29.58
N GLN A 150 -13.47 12.63 30.89
CA GLN A 150 -14.41 11.99 31.81
C GLN A 150 -15.77 12.65 31.76
N SER A 151 -15.80 13.96 31.56
CA SER A 151 -17.07 14.68 31.46
C SER A 151 -17.73 14.54 30.09
N LYS A 152 -16.94 14.63 29.01
CA LYS A 152 -17.48 14.51 27.66
C LYS A 152 -17.98 13.10 27.34
N LEU A 153 -17.51 12.08 28.05
CA LEU A 153 -17.75 10.68 27.69
C LEU A 153 -18.57 9.96 28.75
N PRO A 154 -19.39 8.99 28.34
CA PRO A 154 -20.08 8.15 29.32
C PRO A 154 -19.09 7.47 30.25
N GLU A 155 -19.55 7.13 31.44
CA GLU A 155 -18.66 6.45 32.39
C GLU A 155 -18.11 5.16 31.79
N TYR A 156 -18.94 4.40 31.07
CA TYR A 156 -18.57 3.07 30.62
C TYR A 156 -17.57 3.06 29.48
N LEU A 157 -17.30 4.21 28.88
CA LEU A 157 -16.19 4.26 27.94
C LEU A 157 -14.86 4.26 28.68
N PHE A 158 -14.88 4.18 30.01
CA PHE A 158 -13.69 3.94 30.80
C PHE A 158 -13.68 2.55 31.43
N GLU A 159 -14.39 1.60 30.82
CA GLU A 159 -14.41 0.22 31.25
C GLU A 159 -14.25 -0.68 30.03
N THR A 160 -13.47 -1.74 30.18
CA THR A 160 -13.37 -2.77 29.16
C THR A 160 -14.76 -3.35 28.88
N LEU A 161 -15.19 -3.34 27.62
CA LEU A 161 -16.53 -3.83 27.30
C LEU A 161 -16.43 -4.93 26.27
N SER A 162 -17.54 -5.63 26.06
CA SER A 162 -17.67 -6.59 24.98
C SER A 162 -19.02 -6.44 24.32
N PHE A 163 -19.09 -6.68 23.01
CA PHE A 163 -20.34 -6.51 22.27
C PHE A 163 -20.16 -7.04 20.86
N PRO A 164 -21.25 -7.33 20.15
CA PRO A 164 -21.13 -7.99 18.83
C PRO A 164 -20.57 -7.05 17.78
N LEU A 165 -20.00 -7.67 16.72
CA LEU A 165 -19.58 -6.90 15.55
C LEU A 165 -20.67 -5.96 15.08
N SER A 166 -21.93 -6.42 15.14
CA SER A 166 -23.06 -5.60 14.74
C SER A 166 -22.99 -4.20 15.33
N SER A 167 -22.66 -4.11 16.62
CA SER A 167 -22.69 -2.83 17.31
C SER A 167 -21.46 -1.97 17.05
N LEU A 168 -20.49 -2.49 16.29
CA LEU A 168 -19.22 -1.80 16.12
C LEU A 168 -19.41 -0.41 15.52
N ASN A 169 -20.05 -0.33 14.35
CA ASN A 169 -20.34 0.97 13.78
C ASN A 169 -21.04 1.86 14.80
N GLN A 170 -22.09 1.32 15.42
CA GLN A 170 -22.82 2.06 16.44
C GLN A 170 -21.89 2.60 17.51
N PHE A 171 -21.03 1.71 18.01
CA PHE A 171 -19.98 2.09 18.96
C PHE A 171 -19.19 3.28 18.46
N TYR A 172 -18.68 3.18 17.22
CA TYR A 172 -17.87 4.25 16.65
C TYR A 172 -18.58 5.58 16.76
N ASN A 173 -19.84 5.61 16.35
CA ASN A 173 -20.54 6.89 16.27
C ASN A 173 -20.65 7.53 17.65
N LYS A 174 -20.89 6.70 18.67
CA LYS A 174 -21.08 7.25 20.00
C LYS A 174 -19.81 7.91 20.53
N ILE A 175 -18.64 7.39 20.16
CA ILE A 175 -17.44 8.07 20.65
C ILE A 175 -17.24 9.34 19.85
N ALA A 176 -17.56 9.28 18.56
CA ALA A 176 -17.34 10.43 17.70
C ALA A 176 -18.18 11.61 18.16
N LYS A 177 -19.46 11.35 18.44
CA LYS A 177 -20.33 12.40 18.95
C LYS A 177 -19.77 12.99 20.24
N SER A 178 -19.32 12.12 21.14
CA SER A 178 -18.95 12.56 22.48
C SER A 178 -17.71 13.45 22.52
N LEU A 179 -17.01 13.64 21.40
CA LEU A 179 -15.70 14.27 21.48
C LEU A 179 -15.70 15.73 21.05
N ASN A 180 -16.18 16.03 19.85
CA ASN A 180 -16.19 17.42 19.38
C ASN A 180 -17.09 18.31 20.25
N GLN B 13 76.98 -19.87 -35.46
CA GLN B 13 76.12 -21.06 -35.40
C GLN B 13 74.61 -20.70 -35.35
N GLN B 14 73.74 -21.69 -35.60
CA GLN B 14 72.31 -21.44 -35.76
C GLN B 14 71.46 -22.48 -35.03
N ILE B 15 70.23 -22.08 -34.73
CA ILE B 15 69.37 -22.71 -33.71
C ILE B 15 68.08 -23.22 -34.37
N ASP B 16 67.85 -24.53 -34.30
CA ASP B 16 66.57 -25.08 -34.76
C ASP B 16 65.43 -24.36 -34.04
N SER B 17 64.50 -23.80 -34.82
CA SER B 17 63.30 -23.24 -34.23
C SER B 17 62.47 -24.28 -33.49
N ALA B 18 62.69 -25.57 -33.77
CA ALA B 18 61.98 -26.64 -33.06
C ALA B 18 62.41 -26.75 -31.60
N ASP B 19 63.72 -26.98 -31.38
CA ASP B 19 64.19 -27.07 -30.01
C ASP B 19 63.76 -25.86 -29.19
N LEU B 20 63.62 -24.68 -29.83
CA LEU B 20 63.19 -23.46 -29.16
C LEU B 20 61.68 -23.47 -28.85
N LEU B 21 60.88 -24.07 -29.73
CA LEU B 21 59.43 -23.98 -29.57
C LEU B 21 58.90 -24.83 -28.41
N VAL B 22 59.53 -25.99 -28.15
CA VAL B 22 58.97 -26.89 -27.11
C VAL B 22 58.77 -26.21 -25.76
N ALA B 23 59.53 -25.15 -25.46
CA ALA B 23 59.36 -24.44 -24.19
C ALA B 23 58.14 -23.53 -24.24
N ASN B 24 57.97 -22.79 -25.34
CA ASN B 24 56.78 -21.96 -25.51
C ASN B 24 55.52 -22.79 -25.35
N LEU B 25 55.56 -24.06 -25.70
CA LEU B 25 54.39 -24.91 -25.47
C LEU B 25 54.08 -25.08 -23.99
N VAL B 26 55.07 -25.49 -23.19
CA VAL B 26 54.80 -25.70 -21.77
C VAL B 26 54.46 -24.37 -21.08
N ASN B 27 55.02 -23.26 -21.54
CA ASN B 27 54.56 -21.96 -21.10
C ASN B 27 53.07 -21.77 -21.37
N GLU B 28 52.65 -22.00 -22.61
CA GLU B 28 51.25 -21.84 -22.99
C GLU B 28 50.34 -22.70 -22.15
N ASN B 29 50.69 -23.98 -21.99
CA ASN B 29 49.83 -24.85 -21.20
C ASN B 29 49.81 -24.41 -19.75
N PHE B 30 50.86 -23.76 -19.31
CA PHE B 30 50.85 -23.21 -17.96
C PHE B 30 49.85 -22.07 -17.82
N VAL B 31 50.05 -21.03 -18.62
CA VAL B 31 49.16 -19.89 -18.72
C VAL B 31 47.69 -20.34 -18.75
N LEU B 32 47.41 -21.39 -19.51
CA LEU B 32 46.05 -21.93 -19.56
C LEU B 32 45.64 -22.52 -18.24
N SER B 33 46.46 -23.42 -17.66
CA SER B 33 46.11 -23.96 -16.34
C SER B 33 45.74 -22.85 -15.36
N GLU B 34 46.53 -21.78 -15.40
CA GLU B 34 46.26 -20.56 -14.64
C GLU B 34 44.87 -20.01 -14.93
N LYS B 35 44.58 -19.71 -16.20
CA LYS B 35 43.27 -19.22 -16.58
C LYS B 35 42.18 -20.13 -16.07
N LEU B 36 42.44 -21.43 -16.07
CA LEU B 36 41.41 -22.40 -15.74
C LEU B 36 41.06 -22.34 -14.26
N ASP B 37 42.06 -22.20 -13.40
CA ASP B 37 41.74 -22.05 -11.98
C ASP B 37 41.11 -20.68 -11.68
N THR B 38 41.60 -19.62 -12.33
CA THR B 38 40.93 -18.32 -12.31
C THR B 38 39.43 -18.45 -12.58
N LYS B 39 39.10 -19.10 -13.69
CA LYS B 39 37.70 -19.25 -14.07
C LYS B 39 36.97 -20.07 -13.04
N ALA B 40 37.57 -21.15 -12.55
CA ALA B 40 36.84 -22.06 -11.68
C ALA B 40 36.47 -21.38 -10.37
N THR B 41 37.31 -20.45 -9.90
CA THR B 41 36.92 -19.67 -8.74
C THR B 41 35.86 -18.64 -9.12
N GLU B 42 36.05 -17.97 -10.26
CA GLU B 42 35.05 -16.99 -10.69
C GLU B 42 33.66 -17.58 -10.81
N ILE B 43 33.57 -18.87 -11.13
CA ILE B 43 32.26 -19.52 -11.17
C ILE B 43 31.68 -19.66 -9.77
N LYS B 44 32.52 -20.01 -8.80
CA LYS B 44 32.04 -20.05 -7.42
C LYS B 44 31.49 -18.70 -7.00
N GLN B 45 32.20 -17.61 -7.34
CA GLN B 45 31.75 -16.29 -6.91
C GLN B 45 30.44 -15.91 -7.58
N LEU B 46 30.30 -16.24 -8.86
CA LEU B 46 29.03 -15.97 -9.52
C LEU B 46 27.92 -16.81 -8.93
N GLN B 47 28.20 -18.07 -8.65
CA GLN B 47 27.17 -18.95 -8.12
C GLN B 47 26.73 -18.51 -6.73
N LYS B 48 27.64 -17.86 -5.98
CA LYS B 48 27.24 -17.24 -4.71
C LYS B 48 26.32 -16.06 -4.96
N GLN B 49 26.74 -15.11 -5.81
CA GLN B 49 25.88 -13.99 -6.12
C GLN B 49 24.47 -14.45 -6.47
N ILE B 50 24.36 -15.59 -7.16
CA ILE B 50 23.06 -16.10 -7.57
C ILE B 50 22.29 -16.67 -6.38
N ASP B 51 22.98 -17.35 -5.47
CA ASP B 51 22.28 -17.82 -4.27
C ASP B 51 21.77 -16.64 -3.45
N SER B 52 22.60 -15.61 -3.27
CA SER B 52 22.23 -14.42 -2.52
C SER B 52 21.03 -13.71 -3.16
N LEU B 53 21.11 -13.47 -4.46
CA LEU B 53 20.03 -12.74 -5.14
C LEU B 53 18.73 -13.54 -5.11
N ASN B 54 18.82 -14.86 -5.21
CA ASN B 54 17.61 -15.68 -5.06
C ASN B 54 17.02 -15.49 -3.68
N ALA B 55 17.88 -15.35 -2.67
CA ALA B 55 17.43 -15.05 -1.32
C ALA B 55 16.69 -13.72 -1.26
N GLN B 56 17.29 -12.65 -1.80
CA GLN B 56 16.63 -11.35 -1.79
C GLN B 56 15.29 -11.39 -2.50
N VAL B 57 15.20 -12.13 -3.60
CA VAL B 57 13.93 -12.21 -4.33
C VAL B 57 12.87 -12.87 -3.47
N LYS B 58 13.22 -14.00 -2.85
CA LYS B 58 12.29 -14.65 -1.92
C LYS B 58 11.81 -13.65 -0.88
N GLU B 59 12.75 -12.96 -0.24
CA GLU B 59 12.38 -12.06 0.85
C GLU B 59 11.51 -10.93 0.35
N LEU B 60 12.02 -10.14 -0.60
CA LEU B 60 11.23 -9.05 -1.18
C LEU B 60 9.83 -9.52 -1.51
N LYS B 61 9.71 -10.57 -2.33
CA LYS B 61 8.38 -11.06 -2.71
C LYS B 61 7.49 -11.29 -1.48
N THR B 62 8.03 -11.94 -0.44
CA THR B 62 7.19 -12.19 0.72
C THR B 62 6.86 -10.90 1.48
N GLN B 63 7.82 -9.97 1.62
CA GLN B 63 7.56 -8.77 2.41
C GLN B 63 6.56 -7.85 1.71
N THR B 64 6.65 -7.74 0.38
CA THR B 64 5.59 -7.09 -0.37
C THR B 64 4.25 -7.73 -0.05
N SER B 65 4.19 -9.06 -0.15
CA SER B 65 2.92 -9.75 0.04
C SER B 65 2.33 -9.49 1.44
N GLN B 66 3.18 -9.48 2.46
CA GLN B 66 2.72 -9.18 3.81
C GLN B 66 2.18 -7.75 3.89
N GLN B 67 3.02 -6.77 3.52
CA GLN B 67 2.57 -5.38 3.49
C GLN B 67 1.17 -5.25 2.90
N ALA B 68 0.98 -5.87 1.74
CA ALA B 68 -0.32 -5.88 1.08
C ALA B 68 -1.41 -6.39 2.01
N GLU B 69 -1.21 -7.59 2.57
CA GLU B 69 -2.23 -8.18 3.43
C GLU B 69 -2.57 -7.25 4.59
N ASN B 70 -1.55 -6.62 5.18
CA ASN B 70 -1.76 -5.75 6.34
C ASN B 70 -2.59 -4.55 5.97
N SER B 71 -2.25 -3.93 4.85
CA SER B 71 -3.05 -2.83 4.31
C SER B 71 -4.51 -3.26 4.18
N GLU B 72 -4.76 -4.39 3.55
CA GLU B 72 -6.14 -4.81 3.32
C GLU B 72 -6.90 -5.04 4.62
N VAL B 73 -6.25 -5.57 5.67
CA VAL B 73 -7.05 -5.74 6.90
C VAL B 73 -7.27 -4.41 7.62
N ILE B 74 -6.39 -3.44 7.48
CA ILE B 74 -6.82 -2.13 7.98
C ILE B 74 -7.99 -1.60 7.15
N LYS B 75 -7.98 -1.83 5.84
CA LYS B 75 -9.13 -1.49 5.00
C LYS B 75 -10.40 -2.13 5.54
N ASP B 76 -10.27 -3.35 6.06
CA ASP B 76 -11.43 -4.02 6.63
C ASP B 76 -11.84 -3.36 7.93
N LEU B 77 -10.88 -3.05 8.79
CA LEU B 77 -11.22 -2.41 10.06
C LEU B 77 -11.95 -1.09 9.84
N TYR B 78 -11.47 -0.29 8.88
CA TYR B 78 -12.18 0.94 8.59
C TYR B 78 -13.55 0.65 8.02
N GLU B 79 -13.65 -0.34 7.13
CA GLU B 79 -14.94 -0.68 6.53
C GLU B 79 -15.99 -1.09 7.55
N TYR B 80 -15.62 -1.81 8.62
CA TYR B 80 -16.65 -2.20 9.58
C TYR B 80 -16.79 -1.23 10.74
N LEU B 81 -15.75 -0.51 11.10
CA LEU B 81 -15.89 0.54 12.11
C LEU B 81 -16.61 1.76 11.54
N CYS B 82 -16.28 2.17 10.32
CA CYS B 82 -16.77 3.43 9.79
C CYS B 82 -17.59 3.31 8.51
N ASN B 83 -17.84 2.09 8.02
CA ASN B 83 -18.74 1.86 6.88
C ASN B 83 -18.31 2.60 5.62
N VAL B 84 -17.00 2.69 5.40
CA VAL B 84 -16.43 3.40 4.25
C VAL B 84 -15.26 2.60 3.71
N ARG B 85 -15.01 2.72 2.41
CA ARG B 85 -13.85 2.08 1.79
C ARG B 85 -13.24 2.98 0.71
N VAL B 86 -11.95 3.26 0.83
CA VAL B 86 -11.21 3.96 -0.21
C VAL B 86 -10.58 2.89 -1.11
N HIS B 87 -11.18 2.65 -2.27
CA HIS B 87 -10.72 1.54 -3.11
C HIS B 87 -9.30 1.78 -3.64
N LYS B 88 -9.13 2.79 -4.48
CA LYS B 88 -7.93 2.93 -5.28
C LYS B 88 -7.39 4.36 -5.14
N SER B 89 -6.49 4.72 -6.04
CA SER B 89 -5.89 6.03 -6.09
C SER B 89 -5.67 6.34 -7.56
N TYR B 90 -5.38 7.60 -7.85
CA TYR B 90 -5.20 7.98 -9.25
C TYR B 90 -4.56 9.37 -9.32
N GLU B 91 -3.50 9.51 -10.12
CA GLU B 91 -2.77 10.78 -10.20
C GLU B 91 -2.68 11.27 -11.65
N ASP B 92 -3.29 12.43 -11.91
CA ASP B 92 -3.00 13.25 -13.06
C ASP B 92 -1.86 14.21 -12.73
N ASP B 93 -1.49 15.02 -13.72
CA ASP B 93 -0.68 16.20 -13.45
C ASP B 93 -1.51 17.26 -12.75
N SER B 94 -2.82 17.14 -12.87
CA SER B 94 -3.77 18.12 -12.36
C SER B 94 -4.15 17.85 -10.90
N GLY B 95 -4.53 16.62 -10.59
CA GLY B 95 -4.88 16.30 -9.22
C GLY B 95 -4.74 14.84 -8.86
N LEU B 96 -4.89 14.58 -7.57
CA LEU B 96 -4.80 13.25 -6.98
C LEU B 96 -6.18 12.81 -6.52
N TRP B 97 -6.62 11.62 -6.97
CA TRP B 97 -7.97 11.15 -6.80
C TRP B 97 -8.04 9.87 -5.99
N PHE B 98 -9.16 9.70 -5.29
CA PHE B 98 -9.47 8.50 -4.53
C PHE B 98 -10.88 8.06 -4.89
N ASP B 99 -11.06 6.77 -5.13
CA ASP B 99 -12.34 6.19 -5.49
C ASP B 99 -12.92 5.50 -4.27
N ILE B 100 -14.13 5.85 -3.87
CA ILE B 100 -14.64 5.55 -2.53
C ILE B 100 -16.05 5.00 -2.59
N SER B 101 -16.37 4.11 -1.66
CA SER B 101 -17.73 3.64 -1.45
C SER B 101 -18.11 3.87 0.00
N GLN B 102 -19.38 4.18 0.25
CA GLN B 102 -19.82 4.47 1.61
C GLN B 102 -21.20 3.88 1.86
N GLY B 103 -21.36 3.28 3.03
CA GLY B 103 -22.64 2.77 3.49
C GLY B 103 -22.71 1.26 3.50
N THR B 104 -23.94 0.75 3.62
CA THR B 104 -24.19 -0.70 3.68
C THR B 104 -25.12 -1.25 2.60
N SER B 114 -29.09 1.80 -0.99
CA SER B 114 -28.41 2.40 0.15
C SER B 114 -26.87 2.22 0.22
N ILE B 115 -26.15 2.42 -0.89
CA ILE B 115 -24.68 2.52 -0.93
C ILE B 115 -24.31 3.63 -1.92
N MET B 116 -23.27 4.41 -1.62
CA MET B 116 -22.90 5.56 -2.45
C MET B 116 -21.45 5.50 -2.89
N ASP B 117 -21.22 5.55 -4.21
CA ASP B 117 -19.87 5.58 -4.79
C ASP B 117 -19.53 6.99 -5.23
N TYR B 118 -18.28 7.39 -5.02
CA TYR B 118 -17.85 8.73 -5.42
C TYR B 118 -16.33 8.80 -5.42
N LYS B 119 -15.79 9.99 -5.71
CA LYS B 119 -14.36 10.23 -5.78
C LYS B 119 -14.05 11.52 -5.06
N LEU B 120 -12.84 11.62 -4.52
CA LEU B 120 -12.39 12.88 -3.94
C LEU B 120 -11.06 13.26 -4.57
N GLY B 121 -10.95 14.52 -5.00
CA GLY B 121 -9.79 14.99 -5.71
C GLY B 121 -9.10 16.15 -5.03
N PHE B 122 -7.78 16.19 -5.19
CA PHE B 122 -6.92 17.15 -4.50
C PHE B 122 -6.00 17.80 -5.53
N VAL B 123 -6.08 19.13 -5.68
CA VAL B 123 -5.39 19.81 -6.79
C VAL B 123 -3.88 19.71 -6.64
N LYS B 124 -3.21 19.37 -7.74
CA LYS B 124 -1.78 19.12 -7.71
C LYS B 124 -1.06 20.39 -8.13
N ALA B 127 -0.01 23.27 -6.93
CA ALA B 127 -0.52 24.37 -6.10
C ALA B 127 -0.48 24.01 -4.60
N GLN B 128 -1.03 24.91 -3.78
CA GLN B 128 -0.87 24.83 -2.33
C GLN B 128 -2.19 25.12 -1.62
N VAL B 129 -2.91 26.12 -2.13
CA VAL B 129 -4.27 26.41 -1.69
C VAL B 129 -5.10 25.14 -1.78
N THR B 130 -5.97 24.91 -0.79
CA THR B 130 -6.74 23.67 -0.84
C THR B 130 -8.18 23.84 -0.37
N GLU B 131 -9.02 23.03 -1.02
CA GLU B 131 -10.42 22.72 -0.85
C GLU B 131 -10.64 21.51 -1.76
N VAL B 132 -11.56 20.65 -1.37
CA VAL B 132 -11.58 19.27 -1.86
C VAL B 132 -12.71 19.07 -2.83
N ILE B 133 -12.37 18.62 -4.05
CA ILE B 133 -13.38 18.18 -5.01
C ILE B 133 -14.11 16.94 -4.53
N TYR B 134 -15.39 16.86 -4.89
CA TYR B 134 -16.21 15.68 -4.71
C TYR B 134 -16.92 15.46 -6.03
N ALA B 135 -16.86 14.25 -6.55
CA ALA B 135 -17.50 13.93 -7.82
C ALA B 135 -18.31 12.66 -7.61
N PRO B 136 -19.61 12.70 -7.75
CA PRO B 136 -20.41 11.48 -7.61
C PRO B 136 -20.12 10.52 -8.75
N VAL B 137 -20.28 9.24 -8.49
CA VAL B 137 -20.17 8.20 -9.53
C VAL B 137 -21.52 7.52 -9.63
N LEU B 138 -22.37 8.04 -10.53
CA LEU B 138 -23.78 7.67 -10.60
C LEU B 138 -24.16 6.85 -11.82
N LYS B 139 -23.33 6.80 -12.85
CA LYS B 139 -23.63 6.00 -14.03
C LYS B 139 -23.87 4.54 -13.64
N GLN B 140 -24.44 3.79 -14.57
CA GLN B 140 -24.71 2.36 -14.42
C GLN B 140 -25.44 2.06 -13.11
N ARG B 141 -26.36 2.95 -12.76
CA ARG B 141 -27.20 2.80 -11.59
C ARG B 141 -28.65 2.58 -12.00
N SER B 142 -29.36 1.76 -11.24
CA SER B 142 -30.76 1.47 -11.53
C SER B 142 -31.62 2.71 -11.39
N THR B 143 -32.55 2.90 -12.33
CA THR B 143 -33.50 3.99 -12.22
C THR B 143 -34.22 3.95 -10.87
N GLU B 144 -34.40 2.75 -10.32
CA GLU B 144 -34.98 2.62 -9.00
C GLU B 144 -33.98 3.04 -7.92
N GLU B 145 -32.78 2.42 -7.95
CA GLU B 145 -31.74 2.73 -6.98
C GLU B 145 -31.48 4.22 -6.87
N LEU B 146 -31.42 4.91 -8.02
CA LEU B 146 -31.22 6.35 -8.05
C LEU B 146 -32.28 7.07 -7.22
N TYR B 147 -33.55 6.69 -7.39
CA TYR B 147 -34.59 7.32 -6.58
C TYR B 147 -34.35 7.05 -5.11
N SER B 148 -33.96 5.81 -4.76
CA SER B 148 -33.72 5.51 -3.36
C SER B 148 -32.64 6.42 -2.77
N LEU B 149 -31.52 6.55 -3.47
CA LEU B 149 -30.45 7.39 -2.96
C LEU B 149 -30.88 8.85 -2.90
N GLN B 150 -31.60 9.32 -3.93
CA GLN B 150 -32.10 10.69 -3.94
C GLN B 150 -33.03 10.95 -2.76
N SER B 151 -33.80 9.95 -2.34
CA SER B 151 -34.65 10.15 -1.18
C SER B 151 -33.82 10.28 0.08
N LYS B 152 -32.72 9.49 0.18
CA LYS B 152 -31.88 9.59 1.38
C LYS B 152 -30.91 10.77 1.32
N LEU B 153 -30.54 11.23 0.13
CA LEU B 153 -29.43 12.16 -0.01
C LEU B 153 -29.85 13.52 -0.53
N PRO B 154 -29.23 14.59 -0.05
CA PRO B 154 -29.52 15.91 -0.60
C PRO B 154 -29.34 15.96 -2.11
N GLU B 155 -29.97 16.96 -2.74
CA GLU B 155 -29.89 17.05 -4.19
C GLU B 155 -28.45 17.34 -4.64
N TYR B 156 -27.78 18.27 -3.95
CA TYR B 156 -26.45 18.70 -4.38
C TYR B 156 -25.42 17.60 -4.33
N LEU B 157 -25.67 16.54 -3.59
CA LEU B 157 -24.71 15.46 -3.51
C LEU B 157 -24.77 14.52 -4.69
N PHE B 158 -25.56 14.87 -5.71
CA PHE B 158 -25.49 14.17 -6.98
C PHE B 158 -24.82 15.02 -8.04
N GLU B 159 -24.10 16.05 -7.63
CA GLU B 159 -23.38 16.88 -8.56
C GLU B 159 -21.95 17.08 -8.04
N THR B 160 -21.00 17.14 -8.97
CA THR B 160 -19.64 17.58 -8.66
C THR B 160 -19.68 18.91 -7.92
N LEU B 161 -18.78 19.09 -6.97
CA LEU B 161 -18.78 20.27 -6.13
C LEU B 161 -17.48 20.26 -5.32
N SER B 162 -17.35 21.18 -4.37
CA SER B 162 -16.19 21.10 -3.49
C SER B 162 -16.58 21.56 -2.10
N PHE B 163 -15.81 21.13 -1.10
CA PHE B 163 -15.95 21.54 0.29
C PHE B 163 -14.59 21.78 0.87
N PRO B 164 -14.48 22.52 1.97
CA PRO B 164 -13.16 22.78 2.56
C PRO B 164 -12.48 21.52 3.05
N LEU B 165 -11.14 21.62 3.18
CA LEU B 165 -10.39 20.57 3.86
C LEU B 165 -10.92 20.30 5.25
N SER B 166 -11.12 21.36 6.03
CA SER B 166 -11.63 21.23 7.40
C SER B 166 -12.89 20.39 7.46
N SER B 167 -13.61 20.32 6.34
CA SER B 167 -14.93 19.75 6.30
C SER B 167 -14.92 18.30 5.84
N LEU B 168 -13.73 17.70 5.73
CA LEU B 168 -13.62 16.31 5.33
C LEU B 168 -14.37 15.39 6.29
N ASN B 169 -14.17 15.55 7.58
CA ASN B 169 -14.90 14.70 8.50
C ASN B 169 -16.39 14.98 8.39
N GLN B 170 -16.74 16.26 8.36
CA GLN B 170 -18.14 16.67 8.35
C GLN B 170 -18.84 16.20 7.08
N PHE B 171 -18.13 16.23 5.96
CA PHE B 171 -18.63 15.61 4.75
C PHE B 171 -18.92 14.13 4.99
N TYR B 172 -17.94 13.42 5.57
CA TYR B 172 -18.05 11.97 5.71
C TYR B 172 -19.28 11.61 6.51
N ASN B 173 -19.50 12.26 7.66
CA ASN B 173 -20.64 11.85 8.45
C ASN B 173 -21.95 12.44 7.90
N LYS B 174 -21.89 13.49 7.06
CA LYS B 174 -23.09 13.86 6.33
C LYS B 174 -23.59 12.70 5.49
N ILE B 175 -22.69 12.04 4.78
CA ILE B 175 -23.11 10.91 3.97
C ILE B 175 -23.46 9.72 4.86
N ALA B 176 -22.69 9.54 5.92
CA ALA B 176 -22.87 8.46 6.85
C ALA B 176 -24.24 8.46 7.50
N LYS B 177 -24.62 9.63 8.03
CA LYS B 177 -25.96 9.81 8.61
C LYS B 177 -27.04 9.68 7.56
N SER B 178 -26.80 10.21 6.36
CA SER B 178 -27.83 10.10 5.34
C SER B 178 -28.12 8.65 4.98
N LEU B 179 -27.13 7.77 5.02
CA LEU B 179 -27.42 6.38 4.71
C LEU B 179 -27.88 5.56 5.92
N ASN B 180 -27.43 5.89 7.13
CA ASN B 180 -27.82 5.14 8.31
C ASN B 180 -29.10 5.68 8.98
N LYS B 181 -29.79 6.65 8.38
CA LYS B 181 -31.02 7.19 8.97
C LYS B 181 -32.16 7.36 7.95
N LYS C 2 -4.66 -18.48 9.23
CA LYS C 2 -5.67 -19.15 8.42
C LYS C 2 -7.10 -18.83 8.89
N LYS C 3 -7.23 -18.29 10.11
CA LYS C 3 -8.52 -17.93 10.68
C LYS C 3 -8.64 -16.42 10.82
N ARG C 4 -9.68 -15.84 10.23
CA ARG C 4 -9.96 -14.41 10.31
C ARG C 4 -11.08 -14.17 11.31
N PHE C 5 -10.79 -13.41 12.37
CA PHE C 5 -11.82 -13.01 13.32
C PHE C 5 -12.71 -11.92 12.75
N LEU C 6 -12.09 -10.93 12.12
CA LEU C 6 -12.78 -9.86 11.46
C LEU C 6 -13.22 -10.35 10.08
N PRO C 7 -14.49 -10.27 9.71
CA PRO C 7 -14.90 -10.79 8.41
C PRO C 7 -14.30 -9.99 7.28
N GLN C 8 -14.34 -10.57 6.08
CA GLN C 8 -13.70 -9.89 4.96
C GLN C 8 -14.70 -8.97 4.26
N SER C 9 -14.13 -7.95 3.60
CA SER C 9 -14.90 -6.76 3.22
C SER C 9 -15.86 -7.06 2.07
N VAL C 10 -16.99 -6.37 2.09
CA VAL C 10 -18.03 -6.55 1.09
C VAL C 10 -18.03 -5.35 0.17
N LEU C 11 -17.56 -4.22 0.70
CA LEU C 11 -17.44 -3.02 -0.12
C LEU C 11 -16.42 -3.21 -1.23
N ILE C 12 -15.46 -4.12 -1.06
CA ILE C 12 -14.44 -4.30 -2.07
C ILE C 12 -15.05 -4.84 -3.36
N LYS C 13 -16.10 -5.65 -3.27
CA LYS C 13 -16.71 -6.22 -4.47
C LYS C 13 -16.99 -5.14 -5.50
N ARG C 14 -17.45 -3.98 -5.04
CA ARG C 14 -17.90 -2.94 -5.95
C ARG C 14 -16.77 -2.42 -6.82
N GLU C 15 -15.52 -2.59 -6.38
CA GLU C 15 -14.39 -2.18 -7.19
C GLU C 15 -14.45 -2.76 -8.60
N ASP C 16 -14.90 -4.02 -8.73
CA ASP C 16 -15.03 -4.60 -10.07
C ASP C 16 -16.29 -4.16 -10.74
N GLU C 17 -17.32 -3.88 -9.94
CA GLU C 17 -18.65 -3.65 -10.44
C GLU C 17 -18.86 -2.22 -10.90
N ILE C 18 -18.31 -1.27 -10.18
CA ILE C 18 -18.53 0.14 -10.44
C ILE C 18 -17.40 0.66 -11.31
N ALA C 19 -17.75 1.44 -12.33
CA ALA C 19 -16.76 1.96 -13.27
C ALA C 19 -16.39 3.36 -12.82
N PHE C 20 -15.48 3.41 -11.84
CA PHE C 20 -14.92 4.67 -11.41
C PHE C 20 -14.10 5.32 -12.51
N ASP C 21 -13.42 4.51 -13.33
CA ASP C 21 -12.53 5.02 -14.38
C ASP C 21 -13.26 5.53 -15.61
N ASP C 22 -14.59 5.49 -15.63
CA ASP C 22 -15.34 6.01 -16.77
C ASP C 22 -15.10 7.51 -16.99
N PHE C 23 -14.83 8.25 -15.92
CA PHE C 23 -14.54 9.67 -16.06
C PHE C 23 -13.30 10.02 -15.24
N HIS C 24 -12.45 10.85 -15.83
CA HIS C 24 -11.30 11.41 -15.13
C HIS C 24 -11.30 12.88 -15.46
N LEU C 25 -11.18 13.74 -14.46
CA LEU C 25 -11.28 15.16 -14.79
C LEU C 25 -10.16 15.94 -14.12
N ASP C 26 -10.06 17.21 -14.52
CA ASP C 26 -8.95 18.05 -14.11
C ASP C 26 -9.31 18.82 -12.86
N ALA C 27 -8.52 18.62 -11.81
CA ALA C 27 -8.72 19.30 -10.54
C ALA C 27 -8.82 20.81 -10.71
N ARG C 28 -7.78 21.44 -11.27
CA ARG C 28 -7.75 22.90 -11.36
C ARG C 28 -8.85 23.46 -12.27
N LYS C 29 -9.26 22.70 -13.29
CA LYS C 29 -10.37 23.16 -14.13
C LYS C 29 -11.65 23.22 -13.33
N VAL C 30 -12.04 22.10 -12.70
CA VAL C 30 -13.20 22.02 -11.83
C VAL C 30 -13.16 23.15 -10.82
N LEU C 31 -12.01 23.31 -10.17
CA LEU C 31 -11.83 24.36 -9.19
C LEU C 31 -11.92 25.74 -9.80
N ASN C 32 -11.83 25.87 -11.12
CA ASN C 32 -12.11 27.16 -11.77
C ASN C 32 -13.61 27.31 -12.02
N ASP C 33 -14.20 26.33 -12.71
CA ASP C 33 -15.62 26.27 -13.03
C ASP C 33 -16.49 26.58 -11.82
N LEU C 34 -15.99 26.28 -10.62
CA LEU C 34 -16.83 26.45 -9.44
C LEU C 34 -17.00 27.92 -9.08
N SER C 35 -15.99 28.76 -9.29
CA SER C 35 -16.19 30.19 -9.05
C SER C 35 -16.88 30.91 -10.22
N ALA C 36 -17.10 30.21 -11.35
CA ALA C 36 -17.69 30.74 -12.59
C ALA C 36 -16.85 31.92 -13.07
N THR C 37 -17.35 33.17 -13.05
CA THR C 37 -16.67 34.30 -13.70
C THR C 37 -16.87 35.61 -12.93
N SER C 38 -15.80 36.16 -12.39
CA SER C 38 -15.81 37.42 -11.65
C SER C 38 -15.56 38.63 -12.54
N GLU C 39 -15.28 38.42 -13.82
CA GLU C 39 -14.90 39.45 -14.78
C GLU C 39 -16.04 39.64 -15.77
N ASN C 40 -16.76 40.73 -15.62
CA ASN C 40 -17.99 40.94 -16.36
C ASN C 40 -18.12 42.40 -16.75
N PRO C 41 -19.16 42.76 -17.50
CA PRO C 41 -19.42 44.19 -17.77
C PRO C 41 -19.37 45.08 -16.54
N PHE C 42 -19.53 44.52 -15.34
CA PHE C 42 -19.72 45.36 -14.17
C PHE C 42 -18.41 45.61 -13.42
N SER C 43 -17.52 44.63 -13.39
CA SER C 43 -16.13 44.76 -12.91
C SER C 43 -15.58 46.19 -12.81
#